data_5OSM
#
_entry.id   5OSM
#
_cell.length_a   52.713
_cell.length_b   71.218
_cell.length_c   72.317
_cell.angle_alpha   90.00
_cell.angle_beta   90.00
_cell.angle_gamma   90.00
#
_symmetry.space_group_name_H-M   'P 21 21 21'
#
loop_
_entity.id
_entity.type
_entity.pdbx_description
1 polymer 'Cyclin-dependent kinase 2'
2 non-polymer 'methyl 1-propanoyl-3,4-dihydro-2~{H}-quinoline-6-carboxylate'
3 water water
#
_entity_poly.entity_id   1
_entity_poly.type   'polypeptide(L)'
_entity_poly.pdbx_seq_one_letter_code
;GPLGSMENFQKVEKIGEGTYGVVYKARNKLTGEVVALKKIRLDTETEGVPSTAIREISLLKELNHPNIVKLLDVIHTENK
LYLVCEFLHQDLKKFMDASALTGIPLPLIKSYLFQLLQGLAFCHSHRVLHRDLKPQNLLINTEGAIKLADFGLARAFGVP
VRTYTHEVVTLWYRAPEILLGAKYYSTAVDIWSLGCIFAEMVTRRALFPGDSEIDQLFRIFRTLGTPDEVVWPGVTSMPD
YKPSFPKWARQDFSKVVPPLDEDGRSLLSQMLHYDPNKRISAKAALAHPFFQDVTKPVPHLRL
;
_entity_poly.pdbx_strand_id   A
#
loop_
_chem_comp.id
_chem_comp.type
_chem_comp.name
_chem_comp.formula
AEQ non-polymer 'methyl 1-propanoyl-3,4-dihydro-2~{H}-quinoline-6-carboxylate' 'C14 H17 N O3'
#
# COMPACT_ATOMS: atom_id res chain seq x y z
N PRO A 2 -2.94 -13.70 -24.50
CA PRO A 2 -1.64 -13.08 -24.74
C PRO A 2 -0.47 -13.83 -24.12
N LEU A 3 -0.71 -14.75 -23.21
CA LEU A 3 0.37 -15.52 -22.52
C LEU A 3 0.37 -17.03 -22.93
N GLY A 4 1.43 -17.51 -23.59
CA GLY A 4 1.47 -18.91 -24.02
C GLY A 4 2.58 -19.23 -24.98
N SER A 5 2.71 -20.53 -25.25
CA SER A 5 3.61 -21.08 -26.29
C SER A 5 3.65 -20.20 -27.58
N MET A 6 2.51 -19.97 -28.24
CA MET A 6 2.49 -19.21 -29.51
C MET A 6 2.17 -17.71 -29.39
N GLU A 7 2.00 -17.24 -28.16
CA GLU A 7 1.47 -15.91 -27.91
C GLU A 7 2.50 -14.80 -27.97
N ASN A 8 2.03 -13.60 -27.71
CA ASN A 8 2.91 -12.46 -27.59
C ASN A 8 3.89 -12.66 -26.41
N PHE A 9 3.48 -13.44 -25.38
CA PHE A 9 4.23 -13.56 -24.11
C PHE A 9 4.35 -15.00 -23.74
N GLN A 10 5.57 -15.40 -23.42
CA GLN A 10 5.93 -16.71 -22.89
C GLN A 10 6.08 -16.54 -21.41
N LYS A 11 5.50 -17.46 -20.67
CA LYS A 11 5.55 -17.61 -19.25
C LYS A 11 6.93 -18.10 -18.80
N VAL A 12 7.48 -17.47 -17.79
CA VAL A 12 8.76 -17.90 -17.26
C VAL A 12 8.46 -18.56 -15.92
N GLU A 13 7.77 -17.87 -15.01
CA GLU A 13 7.36 -18.50 -13.76
C GLU A 13 6.25 -17.72 -13.09
N LYS A 14 5.56 -18.36 -12.16
CA LYS A 14 4.58 -17.66 -11.39
C LYS A 14 5.28 -16.77 -10.35
N ILE A 15 4.90 -15.49 -10.28
CA ILE A 15 5.41 -14.56 -9.25
C ILE A 15 4.58 -14.56 -7.98
N GLY A 16 3.26 -14.31 -8.11
CA GLY A 16 2.35 -14.22 -6.96
C GLY A 16 0.88 -14.33 -7.40
N GLU A 17 0.02 -14.21 -6.40
CA GLU A 17 -1.41 -14.14 -6.60
C GLU A 17 -1.85 -12.87 -5.94
N GLY A 18 -2.48 -11.99 -6.72
CA GLY A 18 -3.04 -10.76 -6.19
C GLY A 18 -4.52 -10.86 -5.91
N THR A 19 -5.12 -9.74 -5.57
CA THR A 19 -6.54 -9.67 -5.28
C THR A 19 -7.34 -10.13 -6.48
N TYR A 20 -6.93 -9.71 -7.69
CA TYR A 20 -7.77 -9.98 -8.88
C TYR A 20 -7.37 -11.14 -9.81
N GLY A 21 -6.09 -11.50 -9.78
CA GLY A 21 -5.66 -12.56 -10.64
C GLY A 21 -4.20 -12.85 -10.32
N VAL A 22 -3.73 -13.80 -11.04
CA VAL A 22 -2.37 -14.33 -10.93
C VAL A 22 -1.35 -13.39 -11.63
N VAL A 23 -0.09 -13.34 -11.14
CA VAL A 23 0.95 -12.52 -11.78
C VAL A 23 2.07 -13.47 -12.20
N TYR A 24 2.42 -13.47 -13.49
CA TYR A 24 3.53 -14.32 -14.01
C TYR A 24 4.67 -13.44 -14.42
N LYS A 25 5.88 -13.91 -14.19
CA LYS A 25 7.04 -13.35 -14.91
C LYS A 25 6.94 -13.88 -16.33
N ALA A 26 7.08 -13.00 -17.33
CA ALA A 26 6.89 -13.45 -18.71
C ALA A 26 7.89 -12.80 -19.60
N ARG A 27 8.13 -13.42 -20.77
CA ARG A 27 8.94 -12.77 -21.77
C ARG A 27 8.12 -12.54 -23.00
N ASN A 28 8.27 -11.36 -23.51
CA ASN A 28 7.66 -10.92 -24.73
C ASN A 28 8.54 -11.37 -25.96
N LYS A 29 8.07 -12.39 -26.69
CA LYS A 29 8.65 -12.85 -28.00
C LYS A 29 9.12 -11.73 -28.96
N LEU A 30 8.45 -10.58 -29.01
CA LEU A 30 8.80 -9.58 -30.01
C LEU A 30 9.91 -8.61 -29.61
N THR A 31 9.97 -8.23 -28.34
CA THR A 31 10.83 -7.11 -27.90
C THR A 31 12.05 -7.62 -27.10
N GLY A 32 11.98 -8.90 -26.71
CA GLY A 32 12.87 -9.53 -25.73
C GLY A 32 12.57 -9.18 -24.25
N GLU A 33 11.80 -8.12 -24.02
CA GLU A 33 11.46 -7.59 -22.69
C GLU A 33 10.98 -8.69 -21.71
N VAL A 34 11.46 -8.62 -20.47
CA VAL A 34 10.95 -9.47 -19.38
C VAL A 34 10.01 -8.54 -18.63
N VAL A 35 8.78 -9.06 -18.33
CA VAL A 35 7.69 -8.28 -17.71
C VAL A 35 7.05 -9.08 -16.56
N ALA A 36 6.24 -8.35 -15.76
CA ALA A 36 5.27 -9.04 -14.93
C ALA A 36 3.91 -8.89 -15.56
N LEU A 37 3.21 -9.99 -15.77
CA LEU A 37 1.94 -9.99 -16.52
C LEU A 37 0.84 -10.46 -15.58
N LYS A 38 -0.03 -9.55 -15.23
CA LYS A 38 -1.21 -9.88 -14.41
C LYS A 38 -2.39 -10.32 -15.25
N LYS A 39 -2.96 -11.47 -14.93
CA LYS A 39 -4.08 -11.96 -15.67
C LYS A 39 -5.30 -11.84 -14.80
N ILE A 40 -6.26 -10.97 -15.16
CA ILE A 40 -7.54 -10.93 -14.46
C ILE A 40 -8.68 -11.58 -15.29
N ARG A 41 -9.46 -12.48 -14.68
CA ARG A 41 -10.62 -13.16 -15.38
C ARG A 41 -11.96 -12.45 -15.11
N PRO A 50 -16.43 -5.43 -18.69
CA PRO A 50 -16.59 -4.35 -17.68
C PRO A 50 -15.94 -3.04 -18.24
N SER A 51 -16.71 -2.33 -19.08
CA SER A 51 -16.18 -1.16 -19.86
C SER A 51 -15.63 0.03 -19.08
N THR A 52 -16.37 0.39 -18.02
CA THR A 52 -15.92 1.56 -17.24
C THR A 52 -14.50 1.28 -16.67
N ALA A 53 -14.28 0.04 -16.29
CA ALA A 53 -13.03 -0.32 -15.61
C ALA A 53 -11.90 -0.27 -16.69
N ILE A 54 -12.21 -0.70 -17.92
CA ILE A 54 -11.16 -0.67 -18.99
C ILE A 54 -10.76 0.77 -19.29
N ARG A 55 -11.74 1.69 -19.38
CA ARG A 55 -11.37 3.09 -19.60
C ARG A 55 -10.51 3.66 -18.50
N GLU A 56 -10.91 3.41 -17.26
CA GLU A 56 -10.19 3.90 -16.09
C GLU A 56 -8.77 3.38 -16.01
N ILE A 57 -8.63 2.05 -16.08
CA ILE A 57 -7.33 1.41 -15.99
C ILE A 57 -6.47 1.87 -17.16
N SER A 58 -7.03 1.97 -18.37
CA SER A 58 -6.19 2.44 -19.52
C SER A 58 -5.54 3.83 -19.28
N LEU A 59 -6.23 4.68 -18.54
CA LEU A 59 -5.72 6.04 -18.20
C LEU A 59 -4.49 5.96 -17.29
N LEU A 60 -4.35 4.86 -16.56
CA LEU A 60 -3.16 4.70 -15.74
C LEU A 60 -1.83 4.57 -16.51
N LYS A 61 -1.88 4.20 -17.81
CA LYS A 61 -0.67 4.15 -18.60
C LYS A 61 0.12 5.48 -18.69
N GLU A 62 -0.56 6.59 -18.48
CA GLU A 62 0.11 7.88 -18.50
C GLU A 62 0.58 8.32 -17.13
N LEU A 63 0.30 7.57 -16.07
CA LEU A 63 0.61 7.98 -14.62
C LEU A 63 1.97 7.37 -14.32
N ASN A 64 3.00 7.98 -14.93
CA ASN A 64 4.33 7.43 -14.86
C ASN A 64 5.21 8.26 -13.86
N HIS A 65 5.91 7.55 -13.01
CA HIS A 65 6.80 8.16 -12.02
C HIS A 65 7.81 7.11 -11.58
N PRO A 66 9.01 7.54 -11.14
CA PRO A 66 10.02 6.54 -10.78
C PRO A 66 9.65 5.63 -9.60
N ASN A 67 8.68 6.04 -8.78
CA ASN A 67 8.33 5.18 -7.62
C ASN A 67 6.97 4.57 -7.88
N ILE A 68 6.55 4.53 -9.16
CA ILE A 68 5.29 3.83 -9.51
C ILE A 68 5.69 2.68 -10.47
N VAL A 69 5.24 1.45 -10.19
CA VAL A 69 5.62 0.34 -11.09
C VAL A 69 5.07 0.66 -12.49
N LYS A 70 5.95 0.64 -13.49
CA LYS A 70 5.56 1.09 -14.85
C LYS A 70 4.45 0.15 -15.40
N LEU A 71 3.33 0.74 -15.78
CA LEU A 71 2.26 0.05 -16.52
C LEU A 71 2.50 0.13 -18.04
N LEU A 72 2.99 -0.97 -18.58
CA LEU A 72 3.40 -1.06 -20.00
C LEU A 72 2.25 -1.12 -20.94
N ASP A 73 1.25 -1.92 -20.61
CA ASP A 73 0.09 -2.13 -21.43
C ASP A 73 -1.07 -2.68 -20.67
N VAL A 74 -2.22 -2.50 -21.27
CA VAL A 74 -3.52 -2.96 -20.77
C VAL A 74 -4.19 -3.65 -21.96
N ILE A 75 -4.43 -4.94 -21.79
CA ILE A 75 -4.96 -5.78 -22.88
C ILE A 75 -6.27 -6.33 -22.53
N HIS A 76 -7.27 -6.08 -23.39
CA HIS A 76 -8.56 -6.76 -23.16
C HIS A 76 -8.82 -7.69 -24.33
N THR A 77 -8.84 -8.99 -24.03
CA THR A 77 -8.96 -9.99 -25.10
C THR A 77 -9.62 -11.24 -24.56
N GLU A 78 -10.44 -11.89 -25.39
CA GLU A 78 -11.15 -13.14 -25.03
C GLU A 78 -11.64 -13.10 -23.57
N ASN A 79 -12.37 -12.05 -23.18
CA ASN A 79 -12.92 -11.92 -21.79
C ASN A 79 -11.90 -12.00 -20.63
N LYS A 80 -10.72 -11.52 -20.92
CA LYS A 80 -9.76 -11.38 -19.89
C LYS A 80 -9.22 -9.96 -20.00
N LEU A 81 -8.79 -9.46 -18.86
CA LEU A 81 -8.04 -8.28 -18.78
C LEU A 81 -6.65 -8.66 -18.31
N TYR A 82 -5.64 -8.19 -19.05
CA TYR A 82 -4.22 -8.36 -18.67
C TYR A 82 -3.55 -7.03 -18.48
N LEU A 83 -2.71 -6.97 -17.46
CA LEU A 83 -1.91 -5.77 -17.28
C LEU A 83 -0.50 -6.19 -17.42
N VAL A 84 0.24 -5.48 -18.26
CA VAL A 84 1.67 -5.76 -18.40
C VAL A 84 2.48 -4.69 -17.67
N CYS A 85 3.32 -5.10 -16.73
CA CYS A 85 4.05 -4.14 -15.79
C CYS A 85 5.51 -4.38 -15.98
N GLU A 86 6.36 -3.44 -15.57
CA GLU A 86 7.78 -3.76 -15.59
C GLU A 86 8.05 -4.78 -14.48
N PHE A 87 9.14 -5.49 -14.63
CA PHE A 87 9.54 -6.53 -13.65
C PHE A 87 10.57 -5.99 -12.69
N LEU A 88 10.40 -6.24 -11.39
CA LEU A 88 11.45 -5.78 -10.45
C LEU A 88 12.15 -6.95 -9.71
N HIS A 89 12.59 -6.76 -8.47
CA HIS A 89 13.30 -7.89 -7.81
C HIS A 89 12.32 -8.77 -7.01
N GLN A 90 11.66 -8.18 -6.03
CA GLN A 90 10.73 -8.89 -5.18
C GLN A 90 9.87 -7.86 -4.41
N ASP A 91 8.87 -8.36 -3.72
CA ASP A 91 8.01 -7.47 -2.98
C ASP A 91 8.52 -7.19 -1.57
N LEU A 92 7.99 -6.14 -0.93
CA LEU A 92 8.53 -5.81 0.39
C LEU A 92 8.19 -6.86 1.46
N LYS A 93 7.10 -7.58 1.28
CA LYS A 93 6.78 -8.65 2.23
C LYS A 93 7.90 -9.70 2.22
N LYS A 94 8.39 -10.10 1.02
CA LYS A 94 9.51 -11.05 1.01
C LYS A 94 10.80 -10.46 1.56
N PHE A 95 11.05 -9.19 1.27
CA PHE A 95 12.22 -8.56 1.77
C PHE A 95 12.21 -8.42 3.31
N MET A 96 11.06 -8.09 3.88
CA MET A 96 10.90 -8.04 5.34
C MET A 96 11.14 -9.42 5.93
N ASP A 97 10.50 -10.44 5.37
CA ASP A 97 10.81 -11.82 5.81
C ASP A 97 12.27 -12.24 5.69
N ALA A 98 12.94 -11.93 4.58
CA ALA A 98 14.36 -12.24 4.40
C ALA A 98 15.19 -11.44 5.44
N SER A 99 14.63 -10.31 5.89
CA SER A 99 15.34 -9.38 6.71
C SER A 99 15.02 -9.58 8.20
N ALA A 100 14.17 -10.56 8.54
CA ALA A 100 13.57 -10.69 9.88
C ALA A 100 14.54 -10.83 11.07
N LEU A 101 15.69 -11.46 10.89
CA LEU A 101 16.49 -11.70 12.10
C LEU A 101 17.26 -10.47 12.53
N THR A 102 17.49 -9.60 11.58
CA THR A 102 18.23 -8.40 11.82
C THR A 102 17.35 -7.12 11.68
N GLY A 103 16.24 -7.25 10.97
CA GLY A 103 15.41 -6.11 10.54
C GLY A 103 16.05 -5.34 9.39
N ILE A 104 15.24 -4.65 8.60
CA ILE A 104 15.75 -3.66 7.65
C ILE A 104 16.44 -2.52 8.39
N PRO A 105 17.67 -2.14 7.98
CA PRO A 105 18.39 -1.06 8.68
C PRO A 105 17.59 0.24 8.55
N LEU A 106 17.58 1.05 9.62
CA LEU A 106 16.82 2.33 9.65
C LEU A 106 17.10 3.20 8.44
N PRO A 107 18.35 3.31 7.98
CA PRO A 107 18.52 4.23 6.80
C PRO A 107 17.82 3.75 5.53
N LEU A 108 17.72 2.45 5.38
CA LEU A 108 16.96 1.89 4.21
C LEU A 108 15.47 1.98 4.42
N ILE A 109 14.99 1.81 5.67
CA ILE A 109 13.56 2.10 5.96
C ILE A 109 13.25 3.53 5.58
N LYS A 110 14.11 4.48 6.02
CA LYS A 110 13.86 5.85 5.72
C LYS A 110 13.89 6.16 4.22
N SER A 111 14.84 5.59 3.49
CA SER A 111 14.87 5.80 2.01
C SER A 111 13.59 5.20 1.40
N TYR A 112 13.16 3.98 1.84
CA TYR A 112 11.97 3.43 1.22
C TYR A 112 10.76 4.30 1.54
N LEU A 113 10.63 4.75 2.79
CA LEU A 113 9.46 5.59 3.11
C LEU A 113 9.44 6.87 2.31
N PHE A 114 10.61 7.50 2.20
CA PHE A 114 10.76 8.74 1.36
C PHE A 114 10.33 8.47 -0.08
N GLN A 115 10.78 7.35 -0.62
CA GLN A 115 10.36 7.05 -2.02
C GLN A 115 8.91 6.69 -2.19
N LEU A 116 8.36 5.94 -1.25
CA LEU A 116 6.92 5.67 -1.31
C LEU A 116 6.10 6.96 -1.18
N LEU A 117 6.50 7.88 -0.28
CA LEU A 117 5.76 9.17 -0.19
C LEU A 117 5.86 9.92 -1.50
N GLN A 118 6.99 9.82 -2.22
CA GLN A 118 7.03 10.48 -3.54
C GLN A 118 6.08 9.90 -4.53
N GLY A 119 5.94 8.57 -4.56
CA GLY A 119 5.02 7.96 -5.49
C GLY A 119 3.58 8.33 -5.08
N LEU A 120 3.29 8.36 -3.78
CA LEU A 120 1.92 8.78 -3.37
C LEU A 120 1.69 10.22 -3.77
N ALA A 121 2.66 11.09 -3.48
CA ALA A 121 2.47 12.51 -3.79
C ALA A 121 2.15 12.68 -5.24
N PHE A 122 2.88 11.93 -6.05
CA PHE A 122 2.61 12.00 -7.49
C PHE A 122 1.21 11.54 -7.87
N CYS A 123 0.78 10.36 -7.41
CA CYS A 123 -0.52 9.85 -7.82
C CYS A 123 -1.63 10.74 -7.24
N HIS A 124 -1.46 11.19 -6.00
CA HIS A 124 -2.46 12.02 -5.40
C HIS A 124 -2.60 13.37 -6.15
N SER A 125 -1.47 13.91 -6.61
CA SER A 125 -1.55 15.19 -7.37
C SER A 125 -2.34 14.98 -8.69
N HIS A 126 -2.43 13.75 -9.18
CA HIS A 126 -3.17 13.41 -10.43
C HIS A 126 -4.53 12.88 -10.08
N ARG A 127 -4.93 13.04 -8.81
CA ARG A 127 -6.22 12.59 -8.27
C ARG A 127 -6.47 11.08 -8.36
N VAL A 128 -5.39 10.28 -8.26
CA VAL A 128 -5.54 8.86 -8.27
C VAL A 128 -5.13 8.32 -6.89
N LEU A 129 -6.02 7.58 -6.30
CA LEU A 129 -5.62 6.96 -5.02
C LEU A 129 -5.48 5.47 -5.19
N HIS A 130 -4.78 4.83 -4.26
CA HIS A 130 -4.60 3.37 -4.35
C HIS A 130 -5.71 2.64 -3.62
N ARG A 131 -5.87 2.96 -2.33
N ARG A 131 -5.91 2.97 -2.34
CA ARG A 131 -6.86 2.40 -1.38
CA ARG A 131 -6.94 2.37 -1.47
C ARG A 131 -6.65 0.95 -0.95
C ARG A 131 -6.57 1.04 -0.88
N ASP A 132 -5.65 0.26 -1.50
CA ASP A 132 -5.31 -1.04 -0.91
C ASP A 132 -3.81 -1.29 -0.78
N LEU A 133 -3.10 -0.28 -0.29
CA LEU A 133 -1.63 -0.46 -0.07
C LEU A 133 -1.32 -1.53 0.95
N LYS A 134 -0.27 -2.32 0.65
CA LYS A 134 0.19 -3.38 1.59
C LYS A 134 1.54 -3.84 1.11
N PRO A 135 2.34 -4.49 1.97
CA PRO A 135 3.69 -4.82 1.55
C PRO A 135 3.78 -5.63 0.27
N GLN A 136 2.77 -6.48 -0.01
CA GLN A 136 2.80 -7.29 -1.22
C GLN A 136 2.70 -6.46 -2.54
N ASN A 137 2.26 -5.19 -2.48
CA ASN A 137 2.20 -4.36 -3.71
C ASN A 137 3.25 -3.30 -3.73
N LEU A 138 4.21 -3.46 -2.87
CA LEU A 138 5.44 -2.60 -2.87
C LEU A 138 6.61 -3.43 -3.36
N LEU A 139 7.22 -2.97 -4.46
CA LEU A 139 8.25 -3.82 -5.11
C LEU A 139 9.61 -3.12 -5.04
N ILE A 140 10.67 -3.92 -4.73
CA ILE A 140 11.98 -3.32 -4.64
C ILE A 140 12.84 -3.85 -5.80
N ASN A 141 13.87 -3.08 -6.13
CA ASN A 141 14.95 -3.61 -7.03
C ASN A 141 16.26 -3.70 -6.24
N THR A 142 17.37 -4.04 -6.94
CA THR A 142 18.57 -4.40 -6.19
C THR A 142 19.38 -3.14 -6.00
N GLU A 143 18.96 -2.01 -6.59
CA GLU A 143 19.76 -0.82 -6.54
C GLU A 143 19.32 0.10 -5.38
N GLY A 144 18.16 -0.15 -4.77
CA GLY A 144 17.77 0.74 -3.64
C GLY A 144 16.45 1.40 -3.86
N ALA A 145 15.84 1.14 -5.02
CA ALA A 145 14.53 1.78 -5.29
C ALA A 145 13.42 0.93 -4.78
N ILE A 146 12.29 1.61 -4.51
CA ILE A 146 11.03 0.87 -4.19
C ILE A 146 9.89 1.57 -4.94
N LYS A 147 8.93 0.78 -5.41
CA LYS A 147 7.83 1.28 -6.24
C LYS A 147 6.49 0.72 -5.81
N LEU A 148 5.46 1.49 -6.06
CA LEU A 148 4.07 1.07 -5.74
C LEU A 148 3.43 0.43 -6.97
N ALA A 149 2.80 -0.72 -6.74
CA ALA A 149 2.05 -1.47 -7.79
C ALA A 149 0.55 -1.41 -7.53
N ASP A 150 -0.22 -1.54 -8.60
CA ASP A 150 -1.70 -1.61 -8.50
C ASP A 150 -2.45 -0.31 -8.18
N PHE A 151 -1.85 0.90 -8.30
CA PHE A 151 -2.63 2.17 -8.14
C PHE A 151 -3.85 2.13 -9.04
N GLY A 152 -4.98 2.66 -8.54
CA GLY A 152 -6.15 2.91 -9.43
C GLY A 152 -6.99 1.68 -9.67
N LEU A 153 -6.46 0.48 -9.39
CA LEU A 153 -7.29 -0.75 -9.57
C LEU A 153 -8.45 -0.94 -8.59
N ALA A 154 -8.28 -0.50 -7.35
CA ALA A 154 -9.44 -0.56 -6.41
C ALA A 154 -10.60 0.34 -6.86
N ARG A 155 -10.32 1.52 -7.43
CA ARG A 155 -11.36 2.41 -7.88
C ARG A 155 -12.05 1.78 -9.00
N ALA A 156 -11.32 1.01 -9.83
CA ALA A 156 -11.90 0.29 -10.98
C ALA A 156 -12.78 -0.92 -10.60
N PHE A 157 -12.35 -1.74 -9.65
CA PHE A 157 -13.02 -2.98 -9.38
C PHE A 157 -13.67 -3.11 -7.98
N GLY A 158 -13.36 -2.21 -7.05
CA GLY A 158 -13.74 -2.42 -5.63
C GLY A 158 -12.67 -3.30 -4.97
N VAL A 159 -12.70 -3.32 -3.67
CA VAL A 159 -11.84 -4.23 -2.90
C VAL A 159 -12.76 -5.31 -2.37
N PRO A 160 -12.64 -6.57 -2.87
CA PRO A 160 -13.50 -7.62 -2.43
C PRO A 160 -13.08 -8.19 -1.08
N VAL A 161 -13.95 -8.95 -0.46
CA VAL A 161 -13.59 -9.61 0.80
C VAL A 161 -12.52 -10.68 0.58
N ARG A 162 -12.65 -11.46 -0.50
CA ARG A 162 -11.72 -12.57 -0.75
C ARG A 162 -11.19 -12.40 -2.17
N THR A 163 -10.03 -13.00 -2.41
CA THR A 163 -9.44 -12.91 -3.75
C THR A 163 -10.12 -13.94 -4.66
N TYR A 164 -9.72 -13.95 -5.94
CA TYR A 164 -10.15 -14.92 -6.93
C TYR A 164 -9.82 -16.36 -6.51
N THR A 165 -8.84 -16.53 -5.63
CA THR A 165 -8.53 -17.86 -5.12
C THR A 165 -9.09 -18.09 -3.72
N HIS A 166 -9.98 -17.22 -3.31
CA HIS A 166 -10.68 -17.31 -2.00
C HIS A 166 -9.87 -16.86 -0.82
N GLU A 167 -8.64 -16.40 -1.07
CA GLU A 167 -7.78 -15.91 0.01
C GLU A 167 -8.41 -14.69 0.68
N VAL A 168 -8.14 -14.52 1.97
CA VAL A 168 -8.65 -13.34 2.69
C VAL A 168 -7.87 -12.08 2.26
N VAL A 169 -8.55 -11.00 1.85
CA VAL A 169 -7.85 -9.74 1.49
C VAL A 169 -7.51 -9.08 2.83
N THR A 170 -6.24 -8.75 3.06
CA THR A 170 -5.88 -8.26 4.40
C THR A 170 -6.58 -6.95 4.78
N LEU A 171 -6.95 -6.84 6.04
CA LEU A 171 -7.53 -5.59 6.60
C LEU A 171 -6.50 -4.76 7.30
N TRP A 172 -5.27 -5.28 7.43
CA TRP A 172 -4.33 -4.75 8.44
C TRP A 172 -3.93 -3.30 8.16
N TYR A 173 -4.04 -2.90 6.90
CA TYR A 173 -3.58 -1.58 6.46
C TYR A 173 -4.73 -0.66 6.18
N ARG A 174 -5.94 -1.07 6.54
CA ARG A 174 -7.14 -0.31 6.15
C ARG A 174 -7.44 0.83 7.13
N ALA A 175 -7.70 2.01 6.56
CA ALA A 175 -7.92 3.24 7.35
C ALA A 175 -9.27 3.13 8.14
N PRO A 176 -9.35 3.88 9.23
CA PRO A 176 -10.51 3.72 10.10
C PRO A 176 -11.76 4.25 9.46
N GLU A 177 -11.64 5.27 8.58
CA GLU A 177 -12.89 5.80 7.94
C GLU A 177 -13.47 4.78 7.03
N ILE A 178 -12.64 3.87 6.45
CA ILE A 178 -13.19 2.81 5.59
C ILE A 178 -13.89 1.77 6.48
N LEU A 179 -13.22 1.33 7.55
CA LEU A 179 -13.87 0.43 8.50
C LEU A 179 -15.18 0.97 9.15
N LEU A 180 -15.30 2.28 9.30
CA LEU A 180 -16.45 2.92 9.95
C LEU A 180 -17.53 3.23 8.93
N GLY A 181 -17.27 2.91 7.69
CA GLY A 181 -18.30 2.88 6.63
C GLY A 181 -18.48 4.24 6.01
N ALA A 182 -17.44 5.06 6.02
CA ALA A 182 -17.56 6.37 5.33
C ALA A 182 -17.92 6.16 3.83
N LYS A 183 -18.77 7.04 3.29
CA LYS A 183 -19.08 6.96 1.86
C LYS A 183 -17.97 7.56 0.98
N TYR A 184 -17.23 8.55 1.49
CA TYR A 184 -16.24 9.19 0.67
C TYR A 184 -14.83 8.83 1.14
N TYR A 185 -13.95 8.32 0.26
CA TYR A 185 -12.53 8.08 0.65
C TYR A 185 -11.70 9.16 0.01
N SER A 186 -10.76 9.67 0.79
CA SER A 186 -9.86 10.72 0.32
C SER A 186 -8.45 10.08 0.18
N THR A 187 -7.52 10.83 -0.40
CA THR A 187 -6.12 10.35 -0.51
C THR A 187 -5.49 10.02 0.87
N ALA A 188 -6.07 10.51 1.95
CA ALA A 188 -5.61 10.19 3.31
C ALA A 188 -5.59 8.67 3.56
N VAL A 189 -6.46 7.92 2.87
CA VAL A 189 -6.50 6.48 3.17
C VAL A 189 -5.15 5.80 2.87
N ASP A 190 -4.45 6.33 1.84
CA ASP A 190 -3.14 5.76 1.51
C ASP A 190 -2.05 6.18 2.49
N ILE A 191 -2.17 7.37 3.07
CA ILE A 191 -1.15 7.77 4.07
C ILE A 191 -1.31 6.89 5.35
N TRP A 192 -2.58 6.56 5.71
CA TRP A 192 -2.78 5.68 6.84
C TRP A 192 -2.06 4.31 6.54
N SER A 193 -2.36 3.74 5.36
CA SER A 193 -1.77 2.38 5.03
C SER A 193 -0.26 2.48 5.06
N LEU A 194 0.29 3.56 4.52
CA LEU A 194 1.75 3.65 4.50
C LEU A 194 2.32 3.85 5.92
N GLY A 195 1.61 4.58 6.80
CA GLY A 195 2.07 4.70 8.18
C GLY A 195 2.11 3.28 8.82
N CYS A 196 1.09 2.46 8.59
CA CYS A 196 1.07 1.10 9.17
C CYS A 196 2.31 0.32 8.62
N ILE A 197 2.61 0.50 7.33
CA ILE A 197 3.73 -0.26 6.74
C ILE A 197 5.09 0.24 7.29
N PHE A 198 5.21 1.55 7.49
CA PHE A 198 6.41 2.19 8.12
C PHE A 198 6.61 1.51 9.51
N ALA A 199 5.54 1.47 10.31
CA ALA A 199 5.68 0.86 11.66
C ALA A 199 6.13 -0.61 11.60
N GLU A 200 5.61 -1.36 10.67
CA GLU A 200 5.94 -2.79 10.54
C GLU A 200 7.39 -2.94 10.12
N MET A 201 7.90 -2.06 9.20
CA MET A 201 9.33 -2.17 8.86
C MET A 201 10.19 -1.98 10.10
N VAL A 202 9.83 -0.98 10.91
CA VAL A 202 10.65 -0.58 12.09
C VAL A 202 10.59 -1.69 13.16
N THR A 203 9.42 -2.20 13.41
CA THR A 203 9.26 -3.08 14.61
C THR A 203 9.37 -4.59 14.23
N ARG A 204 9.25 -4.88 12.93
CA ARG A 204 9.27 -6.23 12.39
C ARG A 204 8.05 -7.02 12.79
N ARG A 205 6.96 -6.29 13.10
CA ARG A 205 5.66 -6.99 13.30
C ARG A 205 4.58 -6.07 12.76
N ALA A 206 3.50 -6.63 12.22
CA ALA A 206 2.41 -5.75 11.73
C ALA A 206 1.87 -4.91 12.92
N LEU A 207 1.45 -3.68 12.63
CA LEU A 207 0.98 -2.77 13.69
C LEU A 207 -0.39 -3.20 14.22
N PHE A 208 -1.31 -3.48 13.26
CA PHE A 208 -2.68 -3.77 13.61
C PHE A 208 -3.14 -5.04 12.84
N PRO A 209 -2.73 -6.22 13.32
CA PRO A 209 -3.02 -7.39 12.46
C PRO A 209 -4.42 -7.90 12.79
N GLY A 210 -5.41 -7.17 12.34
CA GLY A 210 -6.85 -7.59 12.61
C GLY A 210 -7.24 -8.84 11.76
N ASP A 211 -8.14 -9.65 12.31
CA ASP A 211 -8.63 -10.77 11.59
C ASP A 211 -10.12 -10.71 11.31
N SER A 212 -10.66 -9.53 11.47
CA SER A 212 -12.08 -9.26 11.14
C SER A 212 -12.24 -7.79 11.17
N GLU A 213 -13.32 -7.25 10.63
CA GLU A 213 -13.43 -5.78 10.66
C GLU A 213 -13.48 -5.24 12.08
N ILE A 214 -14.15 -5.97 13.00
CA ILE A 214 -14.25 -5.39 14.34
C ILE A 214 -12.95 -5.62 15.11
N ASP A 215 -12.22 -6.73 14.84
CA ASP A 215 -10.89 -6.87 15.48
C ASP A 215 -9.95 -5.79 14.94
N GLN A 216 -10.05 -5.47 13.64
CA GLN A 216 -9.13 -4.48 13.11
C GLN A 216 -9.42 -3.12 13.79
N LEU A 217 -10.72 -2.77 13.90
CA LEU A 217 -11.07 -1.48 14.53
C LEU A 217 -10.63 -1.44 15.97
N PHE A 218 -10.89 -2.61 16.70
CA PHE A 218 -10.57 -2.52 18.09
C PHE A 218 -9.04 -2.58 18.36
N ARG A 219 -8.27 -3.15 17.44
CA ARG A 219 -6.82 -3.07 17.57
C ARG A 219 -6.34 -1.63 17.38
N ILE A 220 -6.93 -0.93 16.45
CA ILE A 220 -6.58 0.45 16.23
C ILE A 220 -6.98 1.29 17.50
N PHE A 221 -8.15 1.02 18.05
CA PHE A 221 -8.60 1.88 19.23
C PHE A 221 -7.73 1.58 20.42
N ARG A 222 -7.33 0.31 20.59
CA ARG A 222 -6.49 -0.07 21.74
C ARG A 222 -5.14 0.63 21.76
N THR A 223 -4.63 0.92 20.58
CA THR A 223 -3.33 1.64 20.49
C THR A 223 -3.54 3.14 20.48
N LEU A 224 -4.46 3.64 19.65
CA LEU A 224 -4.54 5.07 19.42
C LEU A 224 -5.66 5.79 20.28
N GLY A 225 -6.42 5.00 21.05
CA GLY A 225 -7.53 5.49 21.88
C GLY A 225 -8.82 5.33 21.07
N THR A 226 -9.93 5.04 21.72
CA THR A 226 -11.23 5.07 20.98
C THR A 226 -11.50 6.49 20.53
N PRO A 227 -11.81 6.70 19.22
CA PRO A 227 -11.94 8.03 18.74
C PRO A 227 -13.27 8.61 19.23
N ASP A 228 -13.27 9.90 19.40
CA ASP A 228 -14.47 10.63 19.79
C ASP A 228 -14.59 11.94 18.99
N GLU A 229 -15.60 12.76 19.32
CA GLU A 229 -15.85 13.93 18.52
C GLU A 229 -14.75 14.97 18.72
N VAL A 230 -13.98 14.85 19.79
CA VAL A 230 -12.90 15.88 20.07
C VAL A 230 -11.77 15.72 19.01
N VAL A 231 -11.41 14.49 18.79
CA VAL A 231 -10.28 14.24 17.85
C VAL A 231 -10.75 13.99 16.45
N TRP A 232 -12.03 13.61 16.28
CA TRP A 232 -12.50 13.33 14.94
C TRP A 232 -13.99 13.77 14.76
N PRO A 233 -14.21 15.05 14.42
CA PRO A 233 -15.58 15.60 14.29
C PRO A 233 -16.34 14.76 13.28
N GLY A 234 -17.53 14.29 13.66
CA GLY A 234 -18.35 13.52 12.80
C GLY A 234 -18.28 12.05 13.10
N VAL A 235 -17.24 11.62 13.80
CA VAL A 235 -17.07 10.16 14.02
C VAL A 235 -18.26 9.48 14.60
N THR A 236 -19.01 10.13 15.51
CA THR A 236 -20.14 9.36 16.14
C THR A 236 -21.34 9.27 15.16
N SER A 237 -21.27 9.99 14.06
CA SER A 237 -22.32 9.87 13.03
C SER A 237 -21.91 8.98 11.91
N MET A 238 -20.75 8.31 11.96
CA MET A 238 -20.45 7.45 10.85
C MET A 238 -21.37 6.22 10.76
N PRO A 239 -21.54 5.70 9.55
CA PRO A 239 -22.48 4.55 9.41
C PRO A 239 -22.31 3.38 10.35
N ASP A 240 -21.07 2.95 10.54
CA ASP A 240 -20.80 1.76 11.28
C ASP A 240 -20.31 2.07 12.69
N TYR A 241 -20.36 3.35 13.11
CA TYR A 241 -19.96 3.64 14.47
C TYR A 241 -21.10 3.17 15.45
N LYS A 242 -20.69 2.61 16.55
CA LYS A 242 -21.62 2.19 17.64
C LYS A 242 -21.24 2.86 18.95
N PRO A 243 -22.23 3.52 19.60
CA PRO A 243 -21.95 4.07 20.89
C PRO A 243 -21.46 3.11 21.95
N SER A 244 -21.68 1.84 21.71
CA SER A 244 -21.28 0.79 22.63
C SER A 244 -19.81 0.34 22.44
N PHE A 245 -19.10 1.01 21.54
CA PHE A 245 -17.68 0.61 21.39
C PHE A 245 -16.96 0.87 22.72
N PRO A 246 -16.12 -0.05 23.18
CA PRO A 246 -15.35 0.16 24.45
C PRO A 246 -14.44 1.40 24.32
N LYS A 247 -14.28 2.11 25.43
CA LYS A 247 -13.47 3.36 25.43
C LYS A 247 -12.07 3.00 25.96
N TRP A 248 -11.07 2.85 25.07
CA TRP A 248 -9.68 2.61 25.43
C TRP A 248 -8.88 3.89 25.43
N ALA A 249 -7.88 3.95 26.32
CA ALA A 249 -6.96 5.08 26.42
C ALA A 249 -5.91 4.96 25.34
N ARG A 250 -5.48 6.08 24.83
CA ARG A 250 -4.41 6.16 23.83
C ARG A 250 -3.02 5.79 24.41
N GLN A 251 -2.30 4.93 23.71
CA GLN A 251 -0.91 4.55 24.09
C GLN A 251 0.14 5.60 23.64
N ASP A 252 1.31 5.69 24.30
CA ASP A 252 2.38 6.51 23.73
C ASP A 252 3.05 5.83 22.56
N PHE A 253 3.30 6.57 21.47
CA PHE A 253 4.17 6.04 20.39
C PHE A 253 5.44 5.53 20.81
N SER A 254 5.92 6.04 21.97
CA SER A 254 7.17 5.62 22.42
C SER A 254 7.18 4.11 22.65
N LYS A 255 6.02 3.58 23.05
CA LYS A 255 5.84 2.14 23.27
C LYS A 255 5.53 1.39 21.94
N VAL A 256 4.90 2.08 21.01
CA VAL A 256 4.31 1.50 19.75
C VAL A 256 5.43 1.14 18.77
N VAL A 257 6.32 2.08 18.51
CA VAL A 257 7.41 1.81 17.54
C VAL A 257 8.84 2.05 18.03
N PRO A 258 9.23 1.50 19.22
CA PRO A 258 10.65 1.60 19.59
C PRO A 258 11.46 0.78 18.50
N PRO A 259 12.61 1.27 18.07
CA PRO A 259 13.46 2.33 18.58
C PRO A 259 13.45 3.51 17.60
N LEU A 260 12.29 3.78 17.05
CA LEU A 260 12.27 4.88 16.21
C LEU A 260 12.54 6.21 16.96
N ASP A 261 13.32 7.09 16.32
CA ASP A 261 13.66 8.38 16.91
C ASP A 261 12.47 9.36 16.96
N GLU A 262 12.64 10.50 17.65
CA GLU A 262 11.50 11.40 17.82
C GLU A 262 10.91 11.95 16.50
N ASP A 263 11.75 12.17 15.52
CA ASP A 263 11.28 12.75 14.23
C ASP A 263 10.43 11.68 13.53
N GLY A 264 10.88 10.45 13.59
CA GLY A 264 10.13 9.31 13.01
C GLY A 264 8.81 9.10 13.73
N ARG A 265 8.84 9.16 15.08
CA ARG A 265 7.53 9.06 15.83
C ARG A 265 6.55 10.19 15.55
N SER A 266 7.07 11.42 15.42
CA SER A 266 6.26 12.59 15.03
C SER A 266 5.60 12.41 13.71
N LEU A 267 6.40 11.95 12.74
CA LEU A 267 5.86 11.77 11.40
C LEU A 267 4.82 10.64 11.46
N LEU A 268 5.16 9.54 12.11
CA LEU A 268 4.21 8.42 12.16
C LEU A 268 2.86 8.81 12.84
N SER A 269 2.97 9.59 13.93
CA SER A 269 1.76 10.05 14.62
CA SER A 269 1.75 10.06 14.65
C SER A 269 0.86 10.87 13.71
N GLN A 270 1.50 11.65 12.85
CA GLN A 270 0.74 12.47 11.94
C GLN A 270 0.12 11.68 10.77
N MET A 271 0.77 10.59 10.41
CA MET A 271 0.22 9.68 9.35
C MET A 271 -0.93 8.85 9.90
N LEU A 272 -1.04 8.79 11.23
CA LEU A 272 -2.09 7.96 11.88
C LEU A 272 -3.12 8.79 12.63
N HIS A 273 -3.26 10.08 12.36
CA HIS A 273 -4.44 10.80 12.88
C HIS A 273 -5.70 10.17 12.41
N TYR A 274 -6.68 10.12 13.33
CA TYR A 274 -7.99 9.54 13.00
C TYR A 274 -8.72 10.36 11.93
N ASP A 275 -8.81 11.68 12.11
CA ASP A 275 -9.52 12.51 11.17
C ASP A 275 -8.72 12.63 9.88
N PRO A 276 -9.29 12.18 8.75
CA PRO A 276 -8.51 12.17 7.48
C PRO A 276 -8.16 13.60 7.07
N ASN A 277 -9.02 14.54 7.46
CA ASN A 277 -8.65 15.93 7.29
C ASN A 277 -7.38 16.40 8.03
N LYS A 278 -7.04 15.82 9.18
CA LYS A 278 -5.88 16.22 9.97
C LYS A 278 -4.67 15.37 9.54
N ARG A 279 -4.88 14.24 8.90
CA ARG A 279 -3.77 13.37 8.54
C ARG A 279 -2.80 14.04 7.60
N ILE A 280 -1.49 13.90 7.84
CA ILE A 280 -0.49 14.60 7.01
C ILE A 280 -0.63 14.14 5.55
N SER A 281 -0.46 15.09 4.65
CA SER A 281 -0.47 14.67 3.17
C SER A 281 0.91 14.13 2.78
N ALA A 282 0.97 13.40 1.67
CA ALA A 282 2.26 12.91 1.21
C ALA A 282 3.24 14.08 0.95
N LYS A 283 2.75 15.15 0.29
CA LYS A 283 3.67 16.30 -0.02
C LYS A 283 4.22 16.87 1.30
N ALA A 284 3.35 17.04 2.30
CA ALA A 284 3.85 17.56 3.56
C ALA A 284 4.76 16.60 4.31
N ALA A 285 4.48 15.28 4.22
CA ALA A 285 5.36 14.28 4.80
C ALA A 285 6.77 14.34 4.21
N LEU A 286 6.88 14.71 2.93
CA LEU A 286 8.22 14.67 2.32
C LEU A 286 9.11 15.77 2.93
N ALA A 287 8.46 16.86 3.35
CA ALA A 287 9.12 18.03 3.96
C ALA A 287 9.43 17.82 5.43
N HIS A 288 8.91 16.72 6.02
CA HIS A 288 9.15 16.50 7.44
C HIS A 288 10.65 16.38 7.79
N PRO A 289 11.02 16.90 8.94
CA PRO A 289 12.44 16.76 9.37
C PRO A 289 12.99 15.36 9.48
N PHE A 290 12.16 14.34 9.65
CA PHE A 290 12.66 12.95 9.52
C PHE A 290 13.53 12.70 8.28
N PHE A 291 13.29 13.44 7.16
CA PHE A 291 13.96 13.14 5.90
C PHE A 291 15.15 14.06 5.70
N GLN A 292 15.51 14.85 6.73
CA GLN A 292 16.59 15.83 6.57
C GLN A 292 17.88 15.12 6.18
N ASP A 293 18.16 13.99 6.82
CA ASP A 293 19.35 13.18 6.48
C ASP A 293 19.09 11.92 5.62
N VAL A 294 18.03 11.91 4.79
CA VAL A 294 17.75 10.71 3.96
C VAL A 294 18.90 10.42 2.96
N THR A 295 19.19 9.15 2.78
CA THR A 295 20.22 8.66 1.79
C THR A 295 19.52 7.55 0.98
N LYS A 296 20.22 6.98 0.00
CA LYS A 296 19.68 5.88 -0.82
C LYS A 296 20.68 4.72 -0.67
N PRO A 297 20.56 3.95 0.39
CA PRO A 297 21.44 2.79 0.49
C PRO A 297 21.07 1.67 -0.48
N VAL A 298 22.04 0.80 -0.74
CA VAL A 298 21.70 -0.38 -1.54
CA VAL A 298 21.85 -0.44 -1.54
C VAL A 298 21.36 -1.55 -0.59
N PRO A 299 20.29 -2.28 -0.93
CA PRO A 299 19.84 -3.33 0.01
C PRO A 299 20.76 -4.54 -0.01
N HIS A 300 20.87 -5.20 1.15
CA HIS A 300 21.61 -6.45 1.26
C HIS A 300 20.63 -7.54 0.85
N LEU A 301 20.84 -8.14 -0.30
CA LEU A 301 19.96 -9.24 -0.79
C LEU A 301 20.57 -10.65 -0.67
C6 AEQ B . 3.36 -6.54 -10.10
C1 AEQ B . 1.94 -6.76 -12.75
C5 AEQ B . 2.72 -8.20 -8.24
C4 AEQ B . 2.02 -6.93 -7.72
C3 AEQ B . 1.17 -6.32 -8.85
C2 AEQ B . 1.36 -5.89 -13.91
C7 AEQ B . 3.76 -7.63 -9.17
C9 AEQ B . 6.03 -7.41 -10.01
O AEQ B . 0.14 -6.02 -11.43
C8 AEQ B . 5.11 -8.04 -9.12
C10 AEQ B . 7.45 -7.81 -9.92
C11 AEQ B . 9.33 -8.71 -8.95
C13 AEQ B . 4.32 -5.97 -10.93
C12 AEQ B . 5.66 -6.35 -10.90
O2 AEQ B . 8.32 -7.17 -10.53
O1 AEQ B . 7.88 -8.91 -9.07
N AEQ B . 1.96 -6.32 -10.14
C AEQ B . 1.32 -6.35 -11.38
#